data_5LAP
#
_entry.id   5LAP
#
_cell.length_a   65.108
_cell.length_b   71.085
_cell.length_c   105.252
_cell.angle_alpha   90.00
_cell.angle_beta   90.00
_cell.angle_gamma   90.00
#
_symmetry.space_group_name_H-M   'P 21 21 21'
#
loop_
_entity.id
_entity.type
_entity.pdbx_description
1 polymer 'Cellular tumor antigen p53'
2 non-polymer 'ZINC ION'
3 non-polymer '5-chloranylpyrimidine-4-carboxylic acid'
4 water water
#
_entity_poly.entity_id   1
_entity_poly.type   'polypeptide(L)'
_entity_poly.pdbx_seq_one_letter_code
;SSSVPSQKTYQGSYGFRLGFLHSGTAKSVTCTYSPALNKLFCQLAKTCPVQLWVDSTPPPGTRVRAMAIYKQSQHMTEVV
RRCPHHERCSDSDGLAPPQHLIRVEGNLRAEYLDDRNTFRHSVVVPCEPPEVGSDCTTIHYNYMCYSSCMGGMNRRPILT
IITLEDSSGNLLGRDSFEVRVCACPGRDRRTEEENLRKKGEPHHELPPGSTKRALPNNT
;
_entity_poly.pdbx_strand_id   A,B
#
loop_
_chem_comp.id
_chem_comp.type
_chem_comp.name
_chem_comp.formula
6SM non-polymer '5-chloranylpyrimidine-4-carboxylic acid' 'C5 H3 Cl N2 O2'
ZN non-polymer 'ZINC ION' 'Zn 2'
#
# COMPACT_ATOMS: atom_id res chain seq x y z
N SER A 3 0.68 -6.85 12.47
CA SER A 3 0.06 -7.33 11.20
C SER A 3 -0.79 -6.23 10.55
N VAL A 4 -0.67 -6.10 9.22
CA VAL A 4 -1.45 -5.13 8.44
C VAL A 4 -2.10 -5.84 7.24
N PRO A 5 -3.44 -5.83 7.17
CA PRO A 5 -4.16 -6.38 6.02
C PRO A 5 -3.72 -5.76 4.69
N SER A 6 -3.60 -6.57 3.65
CA SER A 6 -3.31 -6.07 2.33
C SER A 6 -4.40 -5.11 1.84
N GLN A 7 -4.00 -4.07 1.11
CA GLN A 7 -4.92 -3.15 0.47
C GLN A 7 -4.75 -3.17 -1.05
N LYS A 8 -4.08 -4.20 -1.59
CA LYS A 8 -3.83 -4.28 -3.03
C LYS A 8 -5.13 -4.55 -3.78
N THR A 9 -5.45 -3.69 -4.74
CA THR A 9 -6.60 -3.91 -5.61
C THR A 9 -6.42 -5.20 -6.40
N TYR A 10 -7.45 -6.03 -6.42
CA TYR A 10 -7.39 -7.35 -7.03
C TYR A 10 -8.78 -7.69 -7.56
N GLN A 11 -8.97 -7.63 -8.88
CA GLN A 11 -10.27 -7.98 -9.43
C GLN A 11 -10.56 -9.46 -9.36
N GLY A 12 -9.54 -10.30 -9.54
CA GLY A 12 -9.68 -11.75 -9.45
C GLY A 12 -10.49 -12.33 -10.59
N SER A 13 -10.85 -13.61 -10.43
CA SER A 13 -11.49 -14.39 -11.48
C SER A 13 -12.86 -13.85 -11.87
N TYR A 14 -13.54 -13.19 -10.93
CA TYR A 14 -14.91 -12.72 -11.12
C TYR A 14 -15.02 -11.26 -11.53
N GLY A 15 -13.89 -10.56 -11.67
CA GLY A 15 -13.92 -9.15 -12.08
C GLY A 15 -14.56 -8.27 -11.04
N PHE A 16 -14.17 -8.46 -9.78
CA PHE A 16 -14.78 -7.78 -8.65
C PHE A 16 -14.26 -6.35 -8.54
N ARG A 17 -15.18 -5.40 -8.41
CA ARG A 17 -14.83 -4.01 -8.10
C ARG A 17 -16.02 -3.29 -7.51
N LEU A 18 -15.74 -2.19 -6.81
CA LEU A 18 -16.79 -1.39 -6.20
C LEU A 18 -17.31 -0.35 -7.18
N GLY A 19 -18.45 0.21 -6.82
CA GLY A 19 -19.00 1.39 -7.50
C GLY A 19 -19.66 2.31 -6.51
N PHE A 20 -19.74 3.58 -6.86
CA PHE A 20 -20.35 4.59 -6.01
C PHE A 20 -21.32 5.44 -6.79
N LEU A 21 -22.33 5.92 -6.09
CA LEU A 21 -23.33 6.81 -6.68
C LEU A 21 -22.70 8.17 -6.92
N HIS A 22 -23.39 8.98 -7.71
CA HIS A 22 -22.98 10.38 -7.95
C HIS A 22 -23.91 11.29 -7.20
N SER A 23 -23.52 11.62 -5.97
CA SER A 23 -24.39 12.30 -5.01
C SER A 23 -24.19 13.81 -4.99
N GLY A 24 -23.10 14.30 -5.57
CA GLY A 24 -22.79 15.72 -5.59
C GLY A 24 -22.27 16.23 -4.28
N THR A 25 -22.15 17.55 -4.16
CA THR A 25 -21.49 18.18 -3.01
C THR A 25 -22.32 19.30 -2.37
N ALA A 26 -23.63 19.28 -2.58
CA ALA A 26 -24.52 20.27 -1.94
C ALA A 26 -24.43 20.18 -0.42
N LYS A 27 -24.77 21.27 0.26
CA LYS A 27 -24.74 21.29 1.72
C LYS A 27 -25.66 20.21 2.35
N SER A 28 -26.73 19.81 1.66
CA SER A 28 -27.65 18.79 2.16
C SER A 28 -27.16 17.34 2.04
N VAL A 29 -26.07 17.10 1.30
CA VAL A 29 -25.61 15.74 1.05
C VAL A 29 -25.06 15.10 2.33
N THR A 30 -25.39 13.82 2.52
CA THR A 30 -24.97 13.09 3.71
C THR A 30 -23.88 12.03 3.44
N CYS A 31 -23.67 11.71 2.17
CA CYS A 31 -22.68 10.71 1.74
C CYS A 31 -22.33 11.06 0.31
N THR A 32 -21.04 11.19 0.02
CA THR A 32 -20.60 11.52 -1.32
C THR A 32 -19.21 10.96 -1.57
N TYR A 33 -19.01 10.47 -2.78
CA TYR A 33 -17.78 9.82 -3.16
C TYR A 33 -16.99 10.67 -4.16
N SER A 34 -15.69 10.82 -3.90
CA SER A 34 -14.77 11.51 -4.82
C SER A 34 -13.93 10.48 -5.60
N PRO A 35 -14.21 10.31 -6.91
CA PRO A 35 -13.33 9.48 -7.72
C PRO A 35 -11.89 10.01 -7.80
N ALA A 36 -11.72 11.33 -7.81
CA ALA A 36 -10.36 11.90 -7.91
C ALA A 36 -9.50 11.56 -6.70
N LEU A 37 -10.13 11.51 -5.53
CA LEU A 37 -9.43 11.19 -4.29
C LEU A 37 -9.56 9.72 -3.87
N ASN A 38 -10.37 8.95 -4.59
CA ASN A 38 -10.82 7.62 -4.13
C ASN A 38 -11.22 7.67 -2.66
N LYS A 39 -12.15 8.56 -2.35
CA LYS A 39 -12.48 8.88 -0.96
C LYS A 39 -13.97 9.12 -0.79
N LEU A 40 -14.54 8.42 0.18
CA LEU A 40 -15.93 8.60 0.57
C LEU A 40 -15.99 9.59 1.73
N PHE A 41 -16.91 10.56 1.64
CA PHE A 41 -17.16 11.51 2.73
C PHE A 41 -18.59 11.25 3.21
N CYS A 42 -18.77 11.06 4.52
CA CYS A 42 -20.10 10.76 5.04
C CYS A 42 -20.31 11.31 6.43
N GLN A 43 -21.56 11.54 6.77
CA GLN A 43 -21.95 11.91 8.11
C GLN A 43 -22.02 10.70 9.01
N LEU A 44 -21.95 10.96 10.31
CA LEU A 44 -21.95 9.92 11.31
C LEU A 44 -23.22 9.07 11.26
N ALA A 45 -23.06 7.76 11.11
CA ALA A 45 -24.14 6.79 11.18
C ALA A 45 -25.19 6.91 10.08
N LYS A 46 -24.85 7.57 8.97
CA LYS A 46 -25.75 7.72 7.83
C LYS A 46 -25.47 6.64 6.81
N THR A 47 -26.48 6.29 6.03
CA THR A 47 -26.40 5.26 5.02
C THR A 47 -25.35 5.59 3.94
N CYS A 48 -24.44 4.65 3.70
CA CYS A 48 -23.42 4.77 2.65
C CYS A 48 -23.61 3.63 1.67
N PRO A 49 -24.28 3.91 0.54
CA PRO A 49 -24.44 2.86 -0.46
C PRO A 49 -23.13 2.58 -1.20
N VAL A 50 -22.73 1.32 -1.22
CA VAL A 50 -21.53 0.88 -1.94
C VAL A 50 -21.96 -0.23 -2.86
N GLN A 51 -21.76 -0.03 -4.16
CA GLN A 51 -22.11 -1.04 -5.15
C GLN A 51 -21.04 -2.10 -5.28
N LEU A 52 -21.45 -3.34 -5.53
CA LEU A 52 -20.55 -4.43 -5.88
C LEU A 52 -20.81 -4.82 -7.31
N TRP A 53 -19.76 -4.82 -8.12
CA TRP A 53 -19.85 -5.20 -9.52
C TRP A 53 -18.97 -6.41 -9.77
N VAL A 54 -19.50 -7.37 -10.52
CA VAL A 54 -18.72 -8.52 -10.98
C VAL A 54 -18.99 -8.75 -12.45
N ASP A 55 -18.01 -9.35 -13.12
CA ASP A 55 -18.16 -9.73 -14.53
C ASP A 55 -18.82 -11.09 -14.68
N SER A 56 -18.68 -11.95 -13.67
CA SER A 56 -19.36 -13.24 -13.65
C SER A 56 -19.71 -13.59 -12.21
N THR A 57 -20.73 -14.42 -12.06
CA THR A 57 -21.31 -14.70 -10.76
C THR A 57 -20.40 -15.61 -9.95
N PRO A 58 -19.97 -15.20 -8.74
CA PRO A 58 -19.16 -16.07 -7.89
CA PRO A 58 -19.14 -16.10 -7.96
C PRO A 58 -19.96 -17.25 -7.34
N PRO A 59 -19.28 -18.29 -6.84
CA PRO A 59 -20.01 -19.46 -6.35
C PRO A 59 -20.95 -19.18 -5.17
N PRO A 60 -21.97 -20.00 -4.99
CA PRO A 60 -22.78 -19.90 -3.77
C PRO A 60 -21.89 -20.01 -2.52
N GLY A 61 -22.15 -19.17 -1.54
CA GLY A 61 -21.32 -19.14 -0.32
C GLY A 61 -20.23 -18.09 -0.32
N THR A 62 -20.05 -17.38 -1.44
CA THR A 62 -19.16 -16.24 -1.52
C THR A 62 -19.68 -15.14 -0.58
N ARG A 63 -18.75 -14.45 0.07
CA ARG A 63 -19.08 -13.38 1.02
C ARG A 63 -18.29 -12.12 0.73
N VAL A 64 -18.74 -11.03 1.34
CA VAL A 64 -18.15 -9.71 1.14
C VAL A 64 -17.86 -9.13 2.52
N ARG A 65 -16.58 -8.85 2.78
CA ARG A 65 -16.13 -8.36 4.08
C ARG A 65 -15.63 -6.93 3.98
N ALA A 66 -15.95 -6.13 4.99
CA ALA A 66 -15.43 -4.78 5.12
C ALA A 66 -14.62 -4.64 6.41
N MET A 67 -13.49 -3.95 6.31
CA MET A 67 -12.61 -3.70 7.45
C MET A 67 -11.94 -2.34 7.26
N ALA A 68 -11.72 -1.61 8.35
CA ALA A 68 -11.02 -0.34 8.29
C ALA A 68 -9.60 -0.50 8.79
N ILE A 69 -8.68 0.20 8.17
CA ILE A 69 -7.30 0.35 8.67
C ILE A 69 -6.92 1.81 8.59
N TYR A 70 -5.94 2.22 9.38
CA TYR A 70 -5.37 3.55 9.23
C TYR A 70 -4.55 3.65 7.95
N LYS A 71 -4.67 4.77 7.26
CA LYS A 71 -4.01 4.98 5.98
C LYS A 71 -2.52 5.26 6.14
N GLN A 72 -2.16 6.03 7.17
CA GLN A 72 -0.80 6.52 7.32
C GLN A 72 0.12 5.42 7.82
N SER A 73 1.30 5.37 7.21
CA SER A 73 2.34 4.39 7.51
C SER A 73 2.56 4.16 9.03
N GLN A 74 2.68 5.25 9.77
CA GLN A 74 2.97 5.18 11.20
C GLN A 74 1.79 4.73 12.11
N HIS A 75 0.59 4.57 11.54
CA HIS A 75 -0.57 4.13 12.30
C HIS A 75 -1.21 2.82 11.81
N MET A 76 -0.67 2.23 10.74
CA MET A 76 -1.34 1.07 10.09
C MET A 76 -1.49 -0.14 11.01
N THR A 77 -0.59 -0.32 11.99
CA THR A 77 -0.68 -1.46 12.90
C THR A 77 -1.71 -1.29 14.02
N GLU A 78 -2.27 -0.09 14.18
CA GLU A 78 -3.25 0.15 15.24
C GLU A 78 -4.66 -0.23 14.79
N VAL A 79 -5.38 -0.99 15.60
CA VAL A 79 -6.75 -1.42 15.28
C VAL A 79 -7.65 -0.19 15.24
N VAL A 80 -8.43 -0.04 14.17
CA VAL A 80 -9.43 1.03 14.06
C VAL A 80 -10.66 0.59 14.83
N ARG A 81 -11.10 1.42 15.79
CA ARG A 81 -12.24 1.10 16.62
C ARG A 81 -12.98 2.38 16.96
N ARG A 82 -14.19 2.24 17.50
CA ARG A 82 -14.90 3.41 17.98
C ARG A 82 -14.21 3.99 19.21
N CYS A 83 -14.37 5.29 19.37
CA CYS A 83 -13.73 6.04 20.45
C CYS A 83 -14.37 5.71 21.78
N PRO A 84 -13.77 6.17 22.89
CA PRO A 84 -14.31 5.81 24.21
C PRO A 84 -15.71 6.36 24.50
N HIS A 85 -16.10 7.43 23.80
CA HIS A 85 -17.46 7.95 23.88
C HIS A 85 -18.43 7.07 23.10
N HIS A 86 -18.20 6.91 21.80
CA HIS A 86 -19.17 6.25 20.96
C HIS A 86 -19.33 4.76 21.25
N GLU A 87 -18.27 4.08 21.72
CA GLU A 87 -18.44 2.67 22.08
C GLU A 87 -19.40 2.45 23.24
N ARG A 88 -19.68 3.49 24.03
CA ARG A 88 -20.62 3.42 25.15
C ARG A 88 -21.98 4.05 24.85
N CYS A 89 -22.22 4.42 23.59
CA CYS A 89 -23.49 4.99 23.16
C CYS A 89 -24.53 3.87 23.12
N SER A 90 -25.79 4.18 23.44
N SER A 90 -25.77 4.23 23.47
CA SER A 90 -26.86 3.17 23.37
CA SER A 90 -26.91 3.33 23.34
C SER A 90 -27.50 3.13 21.98
C SER A 90 -27.43 3.42 21.92
N ASP A 91 -26.65 2.91 20.98
CA ASP A 91 -27.05 2.91 19.56
C ASP A 91 -26.92 1.52 18.94
N SER A 92 -26.98 0.49 19.78
CA SER A 92 -26.94 -0.89 19.33
C SER A 92 -28.05 -1.19 18.32
N ASP A 93 -27.72 -1.99 17.30
CA ASP A 93 -28.72 -2.47 16.34
C ASP A 93 -29.10 -3.94 16.58
N GLY A 94 -28.63 -4.50 17.71
CA GLY A 94 -28.87 -5.90 18.05
C GLY A 94 -27.87 -6.91 17.52
N LEU A 95 -26.94 -6.46 16.67
CA LEU A 95 -26.04 -7.35 15.96
C LEU A 95 -24.57 -6.87 16.02
N ALA A 96 -24.34 -5.61 15.68
CA ALA A 96 -23.00 -5.05 15.70
C ALA A 96 -22.46 -4.88 17.12
N PRO A 97 -21.25 -5.40 17.40
CA PRO A 97 -20.67 -5.07 18.70
C PRO A 97 -20.48 -3.56 18.81
N PRO A 98 -20.60 -3.01 20.01
CA PRO A 98 -20.55 -1.56 20.18
C PRO A 98 -19.21 -0.91 19.87
N GLN A 99 -18.15 -1.72 19.81
CA GLN A 99 -16.81 -1.25 19.51
C GLN A 99 -16.56 -1.07 17.99
N HIS A 100 -17.40 -1.68 17.15
CA HIS A 100 -17.12 -1.73 15.71
C HIS A 100 -17.45 -0.43 15.01
N LEU A 101 -16.49 0.10 14.28
CA LEU A 101 -16.73 1.32 13.49
C LEU A 101 -17.70 1.11 12.34
N ILE A 102 -17.50 0.03 11.59
CA ILE A 102 -18.30 -0.23 10.38
C ILE A 102 -19.43 -1.21 10.67
N ARG A 103 -20.64 -0.80 10.35
CA ARG A 103 -21.82 -1.67 10.37
C ARG A 103 -22.37 -1.83 8.97
N VAL A 104 -23.04 -2.96 8.75
CA VAL A 104 -23.94 -3.11 7.62
C VAL A 104 -25.35 -2.86 8.10
N GLU A 105 -26.08 -2.05 7.37
CA GLU A 105 -27.43 -1.66 7.70
C GLU A 105 -28.42 -2.59 7.01
N GLY A 106 -29.45 -3.04 7.73
CA GLY A 106 -30.58 -3.73 7.12
C GLY A 106 -30.26 -5.06 6.47
N ASN A 107 -29.38 -5.84 7.07
CA ASN A 107 -29.07 -7.18 6.59
C ASN A 107 -28.91 -8.11 7.77
N LEU A 108 -29.92 -8.96 8.00
CA LEU A 108 -29.91 -9.86 9.15
C LEU A 108 -28.89 -10.99 9.06
N ARG A 109 -28.32 -11.21 7.86
CA ARG A 109 -27.24 -12.18 7.70
C ARG A 109 -25.83 -11.61 7.88
N ALA A 110 -25.73 -10.33 8.28
CA ALA A 110 -24.44 -9.75 8.61
C ALA A 110 -23.82 -10.44 9.82
N GLU A 111 -22.52 -10.69 9.75
CA GLU A 111 -21.76 -11.27 10.85
C GLU A 111 -20.62 -10.35 11.15
N TYR A 112 -20.32 -10.19 12.44
CA TYR A 112 -19.27 -9.31 12.90
C TYR A 112 -18.18 -10.15 13.54
N LEU A 113 -16.95 -9.92 13.11
CA LEU A 113 -15.79 -10.69 13.57
C LEU A 113 -14.88 -9.80 14.39
N ASP A 114 -14.49 -10.32 15.56
CA ASP A 114 -13.37 -9.83 16.33
C ASP A 114 -12.27 -10.87 16.13
N ASP A 115 -11.24 -10.54 15.36
CA ASP A 115 -10.23 -11.53 14.97
C ASP A 115 -9.40 -11.92 16.21
N ARG A 116 -9.32 -13.23 16.48
CA ARG A 116 -8.65 -13.72 17.69
C ARG A 116 -7.14 -13.45 17.72
N ASN A 117 -6.50 -13.29 16.55
CA ASN A 117 -5.06 -13.05 16.45
C ASN A 117 -4.70 -11.58 16.28
N THR A 118 -5.34 -10.91 15.32
CA THR A 118 -5.02 -9.52 14.99
C THR A 118 -5.84 -8.51 15.80
N PHE A 119 -6.96 -8.96 16.38
CA PHE A 119 -7.88 -8.10 17.13
C PHE A 119 -8.65 -7.08 16.29
N ARG A 120 -8.53 -7.19 14.97
CA ARG A 120 -9.23 -6.25 14.09
C ARG A 120 -10.67 -6.66 13.93
N HIS A 121 -11.50 -5.65 13.65
CA HIS A 121 -12.92 -5.81 13.50
C HIS A 121 -13.27 -5.87 12.03
N SER A 122 -14.29 -6.65 11.71
CA SER A 122 -14.84 -6.63 10.36
C SER A 122 -16.28 -7.07 10.38
N VAL A 123 -16.97 -6.77 9.29
CA VAL A 123 -18.35 -7.15 9.08
C VAL A 123 -18.46 -7.80 7.72
N VAL A 124 -19.15 -8.95 7.67
CA VAL A 124 -19.19 -9.77 6.47
C VAL A 124 -20.65 -10.15 6.17
N VAL A 125 -21.02 -10.13 4.89
CA VAL A 125 -22.34 -10.53 4.45
C VAL A 125 -22.22 -11.47 3.26
N PRO A 126 -23.28 -12.27 3.01
CA PRO A 126 -23.29 -13.04 1.76
C PRO A 126 -23.26 -12.16 0.52
N CYS A 127 -22.58 -12.60 -0.53
CA CYS A 127 -22.55 -11.90 -1.81
C CYS A 127 -23.80 -12.25 -2.61
N GLU A 128 -24.74 -11.30 -2.68
CA GLU A 128 -26.02 -11.54 -3.34
C GLU A 128 -25.92 -11.15 -4.81
N PRO A 129 -26.48 -11.98 -5.73
CA PRO A 129 -26.50 -11.56 -7.12
C PRO A 129 -27.44 -10.38 -7.33
N PRO A 130 -27.26 -9.62 -8.42
CA PRO A 130 -28.18 -8.52 -8.68
C PRO A 130 -29.62 -8.99 -8.82
N GLU A 131 -30.54 -8.14 -8.40
CA GLU A 131 -31.97 -8.38 -8.55
C GLU A 131 -32.39 -8.00 -9.96
N VAL A 132 -33.60 -8.42 -10.32
CA VAL A 132 -34.11 -8.18 -11.67
C VAL A 132 -34.30 -6.68 -11.90
N GLY A 133 -33.78 -6.18 -13.01
CA GLY A 133 -33.75 -4.74 -13.31
C GLY A 133 -32.51 -4.02 -12.82
N SER A 134 -31.59 -4.77 -12.19
CA SER A 134 -30.32 -4.23 -11.74
C SER A 134 -29.14 -5.04 -12.28
N ASP A 135 -28.02 -4.37 -12.41
CA ASP A 135 -26.79 -4.96 -12.90
C ASP A 135 -25.72 -5.09 -11.82
N CYS A 136 -26.04 -4.63 -10.61
CA CYS A 136 -25.14 -4.71 -9.49
C CYS A 136 -25.93 -4.93 -8.22
N THR A 137 -25.23 -5.17 -7.12
CA THR A 137 -25.83 -5.26 -5.81
C THR A 137 -25.25 -4.14 -4.98
N THR A 138 -25.98 -3.70 -3.97
CA THR A 138 -25.55 -2.60 -3.12
C THR A 138 -25.54 -3.07 -1.66
N ILE A 139 -24.49 -2.72 -0.95
CA ILE A 139 -24.44 -2.87 0.49
C ILE A 139 -24.55 -1.49 1.12
N HIS A 140 -25.33 -1.36 2.19
CA HIS A 140 -25.46 -0.11 2.91
C HIS A 140 -24.61 -0.15 4.16
N TYR A 141 -23.56 0.65 4.19
CA TYR A 141 -22.67 0.71 5.34
C TYR A 141 -22.98 1.92 6.21
N ASN A 142 -22.67 1.82 7.48
CA ASN A 142 -22.68 2.97 8.39
C ASN A 142 -21.33 3.05 9.08
N TYR A 143 -20.82 4.28 9.25
CA TYR A 143 -19.59 4.53 10.02
C TYR A 143 -19.98 5.21 11.32
N MET A 144 -19.58 4.63 12.45
CA MET A 144 -20.18 4.95 13.74
C MET A 144 -19.35 5.85 14.67
N CYS A 145 -18.31 6.47 14.13
CA CYS A 145 -17.51 7.51 14.80
C CYS A 145 -17.08 8.52 13.78
N TYR A 146 -16.85 9.75 14.22
CA TYR A 146 -16.25 10.77 13.38
C TYR A 146 -14.75 10.52 13.21
N SER A 147 -14.19 10.95 12.08
CA SER A 147 -12.74 10.91 11.88
C SER A 147 -12.03 11.68 12.99
N SER A 148 -12.67 12.74 13.49
CA SER A 148 -12.08 13.61 14.51
C SER A 148 -12.19 13.08 15.94
N CYS A 149 -12.88 11.95 16.18
CA CYS A 149 -13.13 11.54 17.58
C CYS A 149 -11.83 11.33 18.38
N MET A 150 -11.75 12.04 19.51
CA MET A 150 -10.61 11.91 20.40
C MET A 150 -10.60 10.55 21.07
N GLY A 151 -9.42 9.95 21.18
CA GLY A 151 -9.27 8.61 21.68
C GLY A 151 -9.70 7.51 20.71
N GLY A 152 -10.14 7.91 19.51
CA GLY A 152 -10.52 6.98 18.45
C GLY A 152 -9.66 7.32 17.26
N MET A 153 -10.28 7.56 16.11
CA MET A 153 -9.53 7.91 14.92
C MET A 153 -8.67 9.17 15.07
N ASN A 154 -9.11 10.12 15.89
CA ASN A 154 -8.28 11.26 16.29
C ASN A 154 -7.65 12.01 15.10
N ARG A 155 -8.49 12.26 14.11
CA ARG A 155 -8.17 13.00 12.88
C ARG A 155 -7.33 12.24 11.87
N ARG A 156 -7.04 10.97 12.14
CA ARG A 156 -6.21 10.15 11.26
C ARG A 156 -7.07 9.54 10.17
N PRO A 157 -6.68 9.68 8.89
CA PRO A 157 -7.46 9.08 7.81
CA PRO A 157 -7.49 9.06 7.84
C PRO A 157 -7.47 7.55 7.87
N ILE A 158 -8.57 6.96 7.44
CA ILE A 158 -8.71 5.52 7.35
C ILE A 158 -9.03 5.11 5.92
N LEU A 159 -8.75 3.84 5.65
CA LEU A 159 -9.19 3.17 4.43
C LEU A 159 -10.20 2.10 4.84
N THR A 160 -11.24 1.91 4.02
CA THR A 160 -12.05 0.70 4.09
C THR A 160 -11.58 -0.24 3.00
N ILE A 161 -11.33 -1.49 3.40
CA ILE A 161 -10.93 -2.55 2.49
C ILE A 161 -12.10 -3.50 2.38
N ILE A 162 -12.57 -3.70 1.15
CA ILE A 162 -13.67 -4.61 0.86
C ILE A 162 -13.07 -5.83 0.16
N THR A 163 -13.26 -7.00 0.77
CA THR A 163 -12.78 -8.24 0.19
C THR A 163 -13.94 -9.15 -0.19
N LEU A 164 -13.82 -9.73 -1.38
CA LEU A 164 -14.66 -10.85 -1.81
C LEU A 164 -13.95 -12.13 -1.39
N GLU A 165 -14.66 -12.98 -0.67
CA GLU A 165 -14.09 -14.19 -0.07
C GLU A 165 -14.92 -15.41 -0.42
N ASP A 166 -14.25 -16.56 -0.50
CA ASP A 166 -14.98 -17.82 -0.62
C ASP A 166 -15.51 -18.25 0.74
N SER A 167 -16.16 -19.40 0.80
CA SER A 167 -16.81 -19.83 2.05
C SER A 167 -15.83 -20.14 3.20
N SER A 168 -14.56 -20.40 2.89
CA SER A 168 -13.49 -20.56 3.90
C SER A 168 -12.85 -19.25 4.32
N GLY A 169 -13.17 -18.16 3.63
CA GLY A 169 -12.52 -16.88 3.88
C GLY A 169 -11.31 -16.58 3.01
N ASN A 170 -11.04 -17.42 2.01
CA ASN A 170 -9.91 -17.20 1.10
C ASN A 170 -10.23 -16.06 0.15
N LEU A 171 -9.18 -15.34 -0.24
CA LEU A 171 -9.33 -14.17 -1.08
C LEU A 171 -9.79 -14.49 -2.50
N LEU A 172 -10.87 -13.84 -2.94
CA LEU A 172 -11.28 -13.86 -4.34
C LEU A 172 -11.15 -12.52 -5.05
N GLY A 173 -11.19 -11.41 -4.30
CA GLY A 173 -11.12 -10.10 -4.90
C GLY A 173 -10.97 -9.07 -3.81
N ARG A 174 -10.46 -7.89 -4.16
CA ARG A 174 -10.22 -6.83 -3.19
C ARG A 174 -10.33 -5.46 -3.83
N ASP A 175 -10.93 -4.53 -3.11
CA ASP A 175 -10.96 -3.12 -3.50
C ASP A 175 -10.92 -2.30 -2.22
N SER A 176 -10.73 -1.00 -2.35
CA SER A 176 -10.61 -0.14 -1.17
C SER A 176 -10.85 1.32 -1.49
N PHE A 177 -11.13 2.08 -0.45
CA PHE A 177 -11.37 3.51 -0.58
C PHE A 177 -11.08 4.20 0.75
N GLU A 178 -10.62 5.44 0.69
CA GLU A 178 -10.46 6.24 1.90
C GLU A 178 -11.83 6.70 2.39
N VAL A 179 -11.94 6.93 3.70
CA VAL A 179 -13.16 7.44 4.31
C VAL A 179 -12.84 8.62 5.21
N ARG A 180 -13.67 9.66 5.11
CA ARG A 180 -13.73 10.71 6.11
C ARG A 180 -15.15 10.77 6.63
N VAL A 181 -15.30 10.57 7.94
CA VAL A 181 -16.59 10.71 8.59
C VAL A 181 -16.61 12.11 9.21
N CYS A 182 -17.55 12.95 8.78
CA CYS A 182 -17.52 14.36 9.12
C CYS A 182 -18.90 14.98 9.05
N ALA A 183 -19.03 16.15 9.65
CA ALA A 183 -20.31 16.86 9.69
C ALA A 183 -20.76 17.41 8.32
N CYS A 184 -19.79 17.81 7.49
CA CYS A 184 -20.06 18.50 6.22
C CYS A 184 -19.37 17.80 5.07
N PRO A 185 -19.88 16.62 4.67
CA PRO A 185 -19.18 15.87 3.63
C PRO A 185 -19.11 16.56 2.27
N GLY A 186 -20.16 17.29 1.88
CA GLY A 186 -20.15 18.00 0.60
C GLY A 186 -19.07 19.07 0.56
N ARG A 187 -19.03 19.90 1.60
CA ARG A 187 -18.01 20.94 1.72
C ARG A 187 -16.61 20.35 1.76
N ASP A 188 -16.41 19.30 2.56
CA ASP A 188 -15.06 18.74 2.71
C ASP A 188 -14.60 18.07 1.41
N ARG A 189 -15.49 17.40 0.69
CA ARG A 189 -15.15 16.89 -0.63
C ARG A 189 -14.71 18.01 -1.58
N ARG A 190 -15.47 19.10 -1.62
CA ARG A 190 -15.09 20.26 -2.46
C ARG A 190 -13.70 20.79 -2.07
N THR A 191 -13.48 20.96 -0.77
CA THR A 191 -12.21 21.47 -0.25
C THR A 191 -11.03 20.57 -0.62
N GLU A 192 -11.20 19.27 -0.41
CA GLU A 192 -10.11 18.33 -0.66
C GLU A 192 -9.84 18.15 -2.16
N GLU A 193 -10.88 18.23 -2.99
CA GLU A 193 -10.70 18.17 -4.45
C GLU A 193 -9.97 19.42 -4.96
N GLU A 194 -10.28 20.58 -4.37
CA GLU A 194 -9.56 21.83 -4.67
C GLU A 194 -8.08 21.74 -4.27
N ASN A 195 -7.81 21.25 -3.05
CA ASN A 195 -6.43 21.06 -2.56
C ASN A 195 -5.61 20.15 -3.48
N LEU A 196 -6.24 19.09 -3.98
CA LEU A 196 -5.60 18.19 -4.96
C LEU A 196 -5.28 18.90 -6.27
N ARG A 197 -6.22 19.70 -6.76
CA ARG A 197 -6.04 20.45 -8.01
C ARG A 197 -4.94 21.52 -7.89
N SER B 2 31.27 -5.48 7.41
CA SER B 2 30.79 -6.60 6.54
C SER B 2 31.43 -6.57 5.15
N SER B 3 31.48 -7.74 4.50
CA SER B 3 31.94 -7.85 3.10
C SER B 3 30.99 -7.07 2.20
N VAL B 4 31.53 -6.59 1.08
CA VAL B 4 30.81 -5.68 0.19
C VAL B 4 30.25 -6.47 -1.00
N PRO B 5 28.93 -6.48 -1.16
CA PRO B 5 28.38 -7.16 -2.35
C PRO B 5 28.76 -6.44 -3.62
N SER B 6 28.95 -7.20 -4.69
CA SER B 6 29.27 -6.60 -5.98
C SER B 6 28.14 -5.72 -6.47
N GLN B 7 28.49 -4.62 -7.12
CA GLN B 7 27.52 -3.75 -7.78
C GLN B 7 27.74 -3.76 -9.29
N LYS B 8 28.51 -4.72 -9.80
CA LYS B 8 28.85 -4.73 -11.22
C LYS B 8 27.66 -5.14 -12.08
N THR B 9 27.33 -4.31 -13.09
CA THR B 9 26.25 -4.63 -13.99
C THR B 9 26.54 -5.93 -14.72
N TYR B 10 25.54 -6.80 -14.77
CA TYR B 10 25.70 -8.12 -15.37
C TYR B 10 24.35 -8.54 -15.95
N GLN B 11 24.19 -8.45 -17.26
CA GLN B 11 22.91 -8.83 -17.85
C GLN B 11 22.64 -10.33 -17.79
N GLY B 12 23.69 -11.14 -17.90
CA GLY B 12 23.54 -12.58 -17.80
C GLY B 12 22.80 -13.19 -18.97
N SER B 13 22.48 -14.47 -18.83
CA SER B 13 21.91 -15.26 -19.93
C SER B 13 20.54 -14.80 -20.38
N TYR B 14 19.78 -14.14 -19.48
CA TYR B 14 18.41 -13.70 -19.77
C TYR B 14 18.31 -12.24 -20.22
N GLY B 15 19.43 -11.54 -20.33
CA GLY B 15 19.43 -10.13 -20.75
C GLY B 15 18.71 -9.24 -19.75
N PHE B 16 19.04 -9.43 -18.47
CA PHE B 16 18.34 -8.74 -17.38
C PHE B 16 18.82 -7.32 -17.23
N ARG B 17 17.87 -6.38 -17.15
CA ARG B 17 18.19 -4.98 -16.82
C ARG B 17 16.96 -4.26 -16.28
N LEU B 18 17.20 -3.15 -15.59
CA LEU B 18 16.12 -2.36 -15.01
C LEU B 18 15.56 -1.33 -15.98
N GLY B 19 14.39 -0.84 -15.68
CA GLY B 19 13.87 0.35 -16.34
C GLY B 19 13.06 1.18 -15.36
N PHE B 20 12.87 2.45 -15.70
CA PHE B 20 12.19 3.39 -14.84
C PHE B 20 11.19 4.21 -15.64
N LEU B 21 10.11 4.61 -14.98
CA LEU B 21 9.12 5.48 -15.60
C LEU B 21 9.72 6.85 -15.85
N HIS B 22 9.04 7.63 -16.69
CA HIS B 22 9.42 9.03 -16.94
C HIS B 22 8.42 9.93 -16.25
N SER B 23 8.70 10.23 -14.99
CA SER B 23 7.74 10.91 -14.11
C SER B 23 7.92 12.42 -14.06
N GLY B 24 9.03 12.93 -14.57
CA GLY B 24 9.30 14.36 -14.58
C GLY B 24 9.70 14.89 -13.23
N THR B 25 9.73 16.21 -13.11
CA THR B 25 10.27 16.88 -11.94
C THR B 25 9.35 17.95 -11.35
N ALA B 26 8.05 17.84 -11.62
CA ALA B 26 7.07 18.76 -11.02
C ALA B 26 7.03 18.60 -9.49
N LYS B 27 6.59 19.64 -8.79
CA LYS B 27 6.63 19.63 -7.32
C LYS B 27 5.79 18.51 -6.69
N SER B 28 4.76 18.05 -7.40
CA SER B 28 3.89 16.99 -6.92
C SER B 28 4.49 15.58 -7.05
N VAL B 29 5.61 15.44 -7.76
CA VAL B 29 6.15 14.11 -8.04
C VAL B 29 6.69 13.49 -6.75
N THR B 30 6.38 12.21 -6.55
CA THR B 30 6.77 11.49 -5.34
C THR B 30 7.94 10.52 -5.57
N CYS B 31 8.24 10.23 -6.84
CA CYS B 31 9.35 9.36 -7.22
C CYS B 31 9.74 9.74 -8.64
N THR B 32 11.02 9.97 -8.89
CA THR B 32 11.47 10.32 -10.23
C THR B 32 12.90 9.82 -10.45
N TYR B 33 13.17 9.33 -11.66
CA TYR B 33 14.46 8.73 -11.98
C TYR B 33 15.23 9.62 -12.95
N SER B 34 16.52 9.80 -12.66
CA SER B 34 17.44 10.53 -13.52
C SER B 34 18.36 9.57 -14.28
N PRO B 35 18.14 9.41 -15.61
CA PRO B 35 19.07 8.61 -16.39
C PRO B 35 20.49 9.17 -16.41
N ALA B 36 20.65 10.49 -16.43
CA ALA B 36 22.00 11.07 -16.48
C ALA B 36 22.81 10.77 -15.22
N LEU B 37 22.14 10.72 -14.08
CA LEU B 37 22.79 10.45 -12.79
C LEU B 37 22.70 8.98 -12.37
N ASN B 38 21.95 8.17 -13.12
CA ASN B 38 21.51 6.83 -12.68
C ASN B 38 21.05 6.84 -11.22
N LYS B 39 20.10 7.74 -10.93
CA LYS B 39 19.73 8.04 -9.56
C LYS B 39 18.21 8.20 -9.46
N LEU B 40 17.62 7.47 -8.52
CA LEU B 40 16.21 7.57 -8.18
C LEU B 40 16.06 8.53 -7.03
N PHE B 41 15.10 9.46 -7.12
CA PHE B 41 14.76 10.41 -6.06
C PHE B 41 13.35 10.09 -5.62
N CYS B 42 13.13 9.91 -4.32
CA CYS B 42 11.80 9.54 -3.85
C CYS B 42 11.50 10.07 -2.47
N GLN B 43 10.21 10.19 -2.18
CA GLN B 43 9.75 10.56 -0.86
C GLN B 43 9.70 9.36 0.05
N LEU B 44 9.71 9.63 1.34
CA LEU B 44 9.71 8.60 2.37
C LEU B 44 8.47 7.72 2.27
N ALA B 45 8.66 6.40 2.20
CA ALA B 45 7.59 5.41 2.23
C ALA B 45 6.64 5.43 1.01
N LYS B 46 7.00 6.15 -0.04
CA LYS B 46 6.15 6.26 -1.22
C LYS B 46 6.53 5.22 -2.26
N THR B 47 5.58 4.87 -3.10
CA THR B 47 5.77 3.85 -4.14
C THR B 47 6.86 4.25 -5.13
N CYS B 48 7.83 3.34 -5.32
CA CYS B 48 8.90 3.48 -6.30
C CYS B 48 8.81 2.35 -7.30
N PRO B 49 8.23 2.60 -8.49
CA PRO B 49 8.15 1.55 -9.48
C PRO B 49 9.50 1.29 -10.15
N VAL B 50 9.90 0.03 -10.15
CA VAL B 50 11.14 -0.40 -10.82
C VAL B 50 10.76 -1.50 -11.79
N GLN B 51 11.04 -1.27 -13.06
CA GLN B 51 10.76 -2.27 -14.08
C GLN B 51 11.88 -3.29 -14.23
N LEU B 52 11.51 -4.54 -14.49
CA LEU B 52 12.46 -5.59 -14.79
C LEU B 52 12.26 -5.98 -16.25
N TRP B 53 13.34 -5.90 -17.03
CA TRP B 53 13.30 -6.24 -18.45
C TRP B 53 14.21 -7.44 -18.69
N VAL B 54 13.74 -8.41 -19.47
CA VAL B 54 14.55 -9.54 -19.90
C VAL B 54 14.36 -9.80 -21.38
N ASP B 55 15.39 -10.33 -22.01
CA ASP B 55 15.32 -10.75 -23.43
C ASP B 55 14.66 -12.11 -23.58
N SER B 56 14.77 -12.94 -22.54
CA SER B 56 14.07 -14.22 -22.53
C SER B 56 13.64 -14.56 -21.12
N THR B 57 12.57 -15.33 -21.02
CA THR B 57 11.90 -15.62 -19.77
C THR B 57 12.74 -16.58 -18.93
N PRO B 58 13.11 -16.15 -17.72
CA PRO B 58 13.86 -17.08 -16.86
C PRO B 58 12.95 -18.17 -16.27
N PRO B 59 13.56 -19.24 -15.74
CA PRO B 59 12.74 -20.36 -15.27
C PRO B 59 11.78 -20.06 -14.12
N PRO B 60 10.71 -20.85 -13.98
CA PRO B 60 9.86 -20.73 -12.80
C PRO B 60 10.72 -20.89 -11.54
N GLY B 61 10.51 -20.03 -10.55
CA GLY B 61 11.31 -20.07 -9.31
C GLY B 61 12.40 -19.03 -9.28
N THR B 62 12.64 -18.35 -10.39
CA THR B 62 13.53 -17.19 -10.41
C THR B 62 12.98 -16.12 -9.47
N ARG B 63 13.89 -15.45 -8.77
CA ARG B 63 13.53 -14.39 -7.83
C ARG B 63 14.32 -13.13 -8.11
N VAL B 64 13.87 -12.04 -7.50
CA VAL B 64 14.49 -10.72 -7.67
C VAL B 64 14.72 -10.13 -6.28
N ARG B 65 15.97 -9.80 -5.97
CA ARG B 65 16.37 -9.31 -4.66
C ARG B 65 16.85 -7.87 -4.76
N ALA B 66 16.52 -7.08 -3.74
CA ALA B 66 17.00 -5.71 -3.60
C ALA B 66 17.77 -5.58 -2.29
N MET B 67 18.90 -4.88 -2.37
CA MET B 67 19.78 -4.63 -1.23
C MET B 67 20.39 -3.25 -1.38
N ALA B 68 20.53 -2.52 -0.28
CA ALA B 68 21.19 -1.22 -0.31
C ALA B 68 22.61 -1.34 0.20
N ILE B 69 23.53 -0.60 -0.42
CA ILE B 69 24.88 -0.39 0.12
C ILE B 69 25.23 1.08 0.06
N TYR B 70 26.15 1.51 0.92
CA TYR B 70 26.70 2.86 0.78
C TYR B 70 27.60 2.96 -0.45
N LYS B 71 27.49 4.09 -1.14
CA LYS B 71 28.24 4.33 -2.37
C LYS B 71 29.71 4.63 -2.10
N GLN B 72 30.00 5.40 -1.06
CA GLN B 72 31.37 5.88 -0.81
C GLN B 72 32.27 4.82 -0.20
N SER B 73 33.55 4.87 -0.56
CA SER B 73 34.58 3.92 -0.12
C SER B 73 34.61 3.67 1.38
N GLN B 74 34.63 4.75 2.16
CA GLN B 74 34.77 4.67 3.61
CA GLN B 74 34.78 4.63 3.61
C GLN B 74 33.52 4.12 4.30
N HIS B 75 32.41 4.05 3.56
CA HIS B 75 31.14 3.59 4.14
C HIS B 75 30.61 2.27 3.59
N MET B 76 31.14 1.79 2.47
CA MET B 76 30.57 0.60 1.83
C MET B 76 30.57 -0.67 2.69
N THR B 77 31.48 -0.82 3.65
CA THR B 77 31.45 -1.99 4.53
C THR B 77 30.43 -1.92 5.66
N GLU B 78 29.79 -0.76 5.84
CA GLU B 78 28.76 -0.58 6.86
C GLU B 78 27.40 -1.02 6.35
N VAL B 79 26.69 -1.82 7.13
CA VAL B 79 25.31 -2.22 6.77
C VAL B 79 24.40 -1.00 6.70
N VAL B 80 23.67 -0.86 5.60
CA VAL B 80 22.67 0.20 5.44
C VAL B 80 21.42 -0.25 6.21
N ARG B 81 20.98 0.55 7.17
CA ARG B 81 19.82 0.22 7.99
C ARG B 81 19.03 1.46 8.31
N ARG B 82 17.82 1.29 8.84
CA ARG B 82 17.05 2.43 9.27
C ARG B 82 17.68 3.05 10.52
N CYS B 83 17.45 4.34 10.66
CA CYS B 83 18.03 5.15 11.72
C CYS B 83 17.44 4.79 13.09
N PRO B 84 18.05 5.31 14.17
CA PRO B 84 17.56 4.93 15.50
C PRO B 84 16.14 5.39 15.79
N HIS B 85 15.68 6.43 15.08
CA HIS B 85 14.30 6.88 15.16
C HIS B 85 13.36 5.94 14.41
N HIS B 86 13.61 5.76 13.11
CA HIS B 86 12.67 5.03 12.28
C HIS B 86 12.60 3.53 12.61
N GLU B 87 13.71 2.94 13.08
CA GLU B 87 13.65 1.52 13.45
C GLU B 87 12.75 1.27 14.66
N ARG B 88 12.47 2.32 15.43
CA ARG B 88 11.58 2.24 16.58
C ARG B 88 10.21 2.86 16.30
N CYS B 89 9.96 3.24 15.04
CA CYS B 89 8.64 3.75 14.66
C CYS B 89 7.63 2.63 14.63
N SER B 90 6.37 3.01 14.84
CA SER B 90 5.27 2.07 14.81
C SER B 90 4.75 1.91 13.39
N ASP B 91 5.65 1.63 12.43
CA ASP B 91 5.27 1.59 11.01
C ASP B 91 5.49 0.24 10.32
N SER B 92 5.49 -0.84 11.11
CA SER B 92 5.54 -2.20 10.62
C SER B 92 4.41 -2.49 9.61
N ASP B 93 4.66 -3.45 8.70
CA ASP B 93 3.60 -4.01 7.82
C ASP B 93 3.28 -5.48 8.11
N GLY B 94 4.00 -6.10 9.05
CA GLY B 94 3.84 -7.52 9.37
C GLY B 94 4.82 -8.47 8.70
N LEU B 95 5.48 -8.01 7.63
CA LEU B 95 6.48 -8.79 6.92
C LEU B 95 7.88 -8.20 7.13
N ALA B 96 8.04 -6.90 6.90
CA ALA B 96 9.38 -6.28 6.92
C ALA B 96 9.86 -6.08 8.35
N PRO B 97 11.09 -6.53 8.67
CA PRO B 97 11.63 -6.18 9.98
C PRO B 97 11.76 -4.66 10.08
N PRO B 98 11.59 -4.10 11.28
CA PRO B 98 11.59 -2.65 11.42
C PRO B 98 12.94 -1.99 11.10
N GLN B 99 14.02 -2.77 11.08
CA GLN B 99 15.33 -2.24 10.74
C GLN B 99 15.57 -2.06 9.23
N HIS B 100 14.76 -2.71 8.39
CA HIS B 100 15.04 -2.76 6.95
C HIS B 100 14.66 -1.47 6.25
N LEU B 101 15.59 -0.91 5.50
CA LEU B 101 15.33 0.30 4.72
C LEU B 101 14.36 0.05 3.57
N ILE B 102 14.59 -1.02 2.82
CA ILE B 102 13.81 -1.30 1.60
C ILE B 102 12.71 -2.32 1.88
N ARG B 103 11.48 -1.95 1.53
CA ARG B 103 10.35 -2.83 1.54
C ARG B 103 9.81 -2.98 0.15
N VAL B 104 9.12 -4.10 -0.08
CA VAL B 104 8.29 -4.26 -1.27
C VAL B 104 6.84 -4.02 -0.86
N GLU B 105 6.14 -3.23 -1.68
CA GLU B 105 4.72 -2.87 -1.47
C GLU B 105 3.85 -3.82 -2.28
N GLY B 106 2.79 -4.34 -1.66
CA GLY B 106 1.74 -5.05 -2.37
C GLY B 106 2.15 -6.39 -2.97
N ASN B 107 2.97 -7.15 -2.23
CA ASN B 107 3.32 -8.50 -2.64
C ASN B 107 3.46 -9.38 -1.40
N LEU B 108 2.46 -10.23 -1.18
CA LEU B 108 2.46 -11.09 -0.01
C LEU B 108 3.51 -12.22 -0.06
N ARG B 109 4.17 -12.40 -1.21
CA ARG B 109 5.26 -13.37 -1.31
C ARG B 109 6.64 -12.75 -1.07
N ALA B 110 6.69 -11.47 -0.67
CA ALA B 110 7.97 -10.85 -0.31
C ALA B 110 8.56 -11.50 0.92
N GLU B 111 9.86 -11.78 0.86
CA GLU B 111 10.61 -12.33 2.00
C GLU B 111 11.74 -11.40 2.31
N TYR B 112 12.04 -11.28 3.60
CA TYR B 112 13.07 -10.37 4.11
C TYR B 112 14.17 -11.19 4.73
N LEU B 113 15.41 -10.92 4.32
CA LEU B 113 16.59 -11.66 4.80
C LEU B 113 17.48 -10.76 5.66
N ASP B 114 17.86 -11.26 6.84
CA ASP B 114 18.97 -10.73 7.62
C ASP B 114 20.08 -11.76 7.42
N ASP B 115 21.11 -11.40 6.66
CA ASP B 115 22.14 -12.37 6.33
C ASP B 115 22.89 -12.78 7.59
N ARG B 116 22.96 -14.08 7.86
CA ARG B 116 23.55 -14.53 9.13
C ARG B 116 25.07 -14.33 9.20
N ASN B 117 25.73 -14.18 8.04
CA ASN B 117 27.17 -13.92 7.99
C ASN B 117 27.52 -12.44 7.88
N THR B 118 26.87 -11.73 6.95
CA THR B 118 27.22 -10.33 6.65
C THR B 118 26.35 -9.33 7.39
N PHE B 119 25.23 -9.79 7.95
CA PHE B 119 24.25 -8.93 8.64
C PHE B 119 23.53 -7.94 7.73
N ARG B 120 23.71 -8.08 6.42
CA ARG B 120 23.02 -7.16 5.52
C ARG B 120 21.58 -7.58 5.29
N HIS B 121 20.78 -6.57 4.99
CA HIS B 121 19.35 -6.74 4.80
C HIS B 121 19.01 -6.80 3.33
N SER B 122 18.02 -7.59 2.99
CA SER B 122 17.50 -7.60 1.62
C SER B 122 16.06 -8.06 1.61
N VAL B 123 15.39 -7.75 0.51
CA VAL B 123 14.01 -8.17 0.29
C VAL B 123 13.94 -8.83 -1.09
N VAL B 124 13.23 -9.96 -1.15
CA VAL B 124 13.22 -10.79 -2.35
C VAL B 124 11.80 -11.22 -2.67
N VAL B 125 11.46 -11.19 -3.96
CA VAL B 125 10.15 -11.63 -4.44
C VAL B 125 10.33 -12.55 -5.64
N PRO B 126 9.30 -13.36 -5.94
CA PRO B 126 9.35 -14.11 -7.19
C PRO B 126 9.38 -13.18 -8.41
N CYS B 127 10.12 -13.58 -9.45
CA CYS B 127 10.17 -12.82 -10.70
C CYS B 127 9.02 -13.30 -11.58
N GLU B 128 7.96 -12.51 -11.63
CA GLU B 128 6.77 -12.88 -12.42
C GLU B 128 6.98 -12.48 -13.88
N PRO B 129 6.49 -13.31 -14.83
CA PRO B 129 6.47 -12.86 -16.23
C PRO B 129 5.55 -11.66 -16.42
N PRO B 130 5.78 -10.86 -17.49
CA PRO B 130 4.88 -9.73 -17.74
C PRO B 130 3.44 -10.19 -17.94
N GLU B 131 2.50 -9.37 -17.50
CA GLU B 131 1.08 -9.65 -17.71
C GLU B 131 0.74 -9.44 -19.18
N VAL B 132 -0.36 -10.04 -19.62
CA VAL B 132 -0.83 -9.87 -21.00
C VAL B 132 -1.08 -8.38 -21.24
N GLY B 133 -0.56 -7.87 -22.35
CA GLY B 133 -0.58 -6.43 -22.64
C GLY B 133 0.53 -5.61 -22.01
N SER B 134 1.57 -6.27 -21.46
CA SER B 134 2.75 -5.60 -20.90
C SER B 134 4.01 -6.30 -21.39
N ASP B 135 5.08 -5.52 -21.50
CA ASP B 135 6.38 -5.99 -21.99
C ASP B 135 7.41 -6.19 -20.88
N CYS B 136 7.07 -5.79 -19.66
CA CYS B 136 7.96 -5.93 -18.52
C CYS B 136 7.13 -6.16 -17.27
N THR B 137 7.82 -6.53 -16.20
CA THR B 137 7.27 -6.72 -14.85
CA THR B 137 7.17 -6.64 -14.90
C THR B 137 7.69 -5.50 -14.05
N THR B 138 6.88 -5.07 -13.11
CA THR B 138 7.23 -3.95 -12.24
C THR B 138 7.15 -4.41 -10.79
N ILE B 139 8.13 -4.00 -10.01
CA ILE B 139 8.11 -4.15 -8.55
C ILE B 139 7.93 -2.77 -7.96
N HIS B 140 7.15 -2.68 -6.88
CA HIS B 140 6.96 -1.43 -6.16
CA HIS B 140 6.97 -1.43 -6.16
C HIS B 140 7.75 -1.49 -4.86
N TYR B 141 8.79 -0.66 -4.78
CA TYR B 141 9.62 -0.56 -3.57
C TYR B 141 9.23 0.64 -2.74
N ASN B 142 9.48 0.56 -1.44
CA ASN B 142 9.33 1.71 -0.53
C ASN B 142 10.64 1.85 0.24
N TYR B 143 11.14 3.07 0.38
CA TYR B 143 12.32 3.38 1.20
C TYR B 143 11.85 4.05 2.47
N MET B 144 12.28 3.50 3.61
CA MET B 144 11.67 3.79 4.91
C MET B 144 12.47 4.71 5.85
N CYS B 145 13.50 5.35 5.32
CA CYS B 145 14.24 6.41 6.00
C CYS B 145 14.61 7.44 4.96
N TYR B 146 14.82 8.67 5.42
CA TYR B 146 15.37 9.72 4.57
C TYR B 146 16.87 9.54 4.43
N SER B 147 17.45 9.96 3.31
CA SER B 147 18.90 10.00 3.18
C SER B 147 19.58 10.79 4.30
N SER B 148 18.91 11.83 4.78
CA SER B 148 19.45 12.68 5.82
C SER B 148 19.29 12.17 7.25
N CYS B 149 18.58 11.04 7.47
CA CYS B 149 18.28 10.61 8.85
C CYS B 149 19.55 10.47 9.70
N MET B 150 19.57 11.20 10.82
CA MET B 150 20.68 11.19 11.77
C MET B 150 20.82 9.79 12.38
N GLY B 151 22.04 9.29 12.44
CA GLY B 151 22.30 7.96 13.02
C GLY B 151 22.03 6.80 12.09
N GLY B 152 21.46 7.07 10.92
CA GLY B 152 21.24 6.08 9.88
C GLY B 152 22.06 6.47 8.68
N MET B 153 21.43 6.69 7.54
CA MET B 153 22.18 7.09 6.35
C MET B 153 22.99 8.37 6.55
N ASN B 154 22.47 9.31 7.34
CA ASN B 154 23.22 10.50 7.77
CA ASN B 154 23.27 10.46 7.78
C ASN B 154 23.86 11.25 6.60
N ARG B 155 23.05 11.46 5.56
CA ARG B 155 23.39 12.19 4.34
C ARG B 155 24.35 11.46 3.39
N ARG B 156 24.68 10.20 3.69
CA ARG B 156 25.59 9.42 2.87
C ARG B 156 24.82 8.78 1.72
N PRO B 157 25.28 8.96 0.45
CA PRO B 157 24.56 8.32 -0.66
CA PRO B 157 24.56 8.32 -0.66
C PRO B 157 24.58 6.80 -0.62
N ILE B 158 23.48 6.19 -1.08
CA ILE B 158 23.37 4.74 -1.20
C ILE B 158 23.10 4.34 -2.63
N LEU B 159 23.38 3.07 -2.91
CA LEU B 159 22.99 2.39 -4.13
C LEU B 159 22.02 1.30 -3.74
N THR B 160 21.03 1.05 -4.59
CA THR B 160 20.27 -0.19 -4.52
C THR B 160 20.80 -1.13 -5.60
N ILE B 161 21.08 -2.37 -5.21
CA ILE B 161 21.53 -3.41 -6.10
C ILE B 161 20.38 -4.37 -6.27
N ILE B 162 19.97 -4.58 -7.51
CA ILE B 162 18.91 -5.52 -7.84
C ILE B 162 19.56 -6.74 -8.50
N THR B 163 19.32 -7.91 -7.91
CA THR B 163 19.86 -9.16 -8.45
C THR B 163 18.73 -10.10 -8.85
N LEU B 164 18.87 -10.67 -10.04
CA LEU B 164 18.03 -11.76 -10.52
C LEU B 164 18.74 -13.03 -10.06
N GLU B 165 18.00 -13.92 -9.41
CA GLU B 165 18.56 -15.12 -8.78
C GLU B 165 17.77 -16.34 -9.16
N ASP B 166 18.42 -17.50 -9.21
CA ASP B 166 17.67 -18.75 -9.35
C ASP B 166 17.08 -19.15 -8.00
N SER B 167 16.39 -20.28 -7.95
CA SER B 167 15.69 -20.68 -6.74
C SER B 167 16.63 -21.02 -5.57
N SER B 168 17.90 -21.30 -5.86
CA SER B 168 18.93 -21.48 -4.81
C SER B 168 19.56 -20.19 -4.32
N GLY B 169 19.30 -19.09 -5.02
CA GLY B 169 19.92 -17.82 -4.72
C GLY B 169 21.19 -17.54 -5.51
N ASN B 170 21.49 -18.37 -6.52
CA ASN B 170 22.66 -18.12 -7.37
C ASN B 170 22.38 -16.98 -8.33
N LEU B 171 23.41 -16.20 -8.64
CA LEU B 171 23.30 -15.02 -9.49
C LEU B 171 22.95 -15.35 -10.93
N LEU B 172 21.90 -14.72 -11.44
CA LEU B 172 21.59 -14.74 -12.87
C LEU B 172 21.80 -13.40 -13.56
N GLY B 173 21.66 -12.30 -12.84
CA GLY B 173 21.80 -10.96 -13.42
C GLY B 173 21.87 -9.93 -12.33
N ARG B 174 22.40 -8.75 -12.64
CA ARG B 174 22.60 -7.71 -11.66
C ARG B 174 22.51 -6.35 -12.32
N ASP B 175 21.91 -5.40 -11.62
CA ASP B 175 21.86 -3.99 -12.03
C ASP B 175 21.77 -3.16 -10.76
N SER B 176 21.88 -1.84 -10.88
CA SER B 176 21.93 -0.99 -9.70
C SER B 176 21.62 0.44 -10.07
N PHE B 177 21.25 1.21 -9.05
CA PHE B 177 20.97 2.64 -9.18
C PHE B 177 21.20 3.33 -7.86
N GLU B 178 21.63 4.58 -7.91
CA GLU B 178 21.72 5.41 -6.70
C GLU B 178 20.32 5.80 -6.25
N VAL B 179 20.16 6.05 -4.95
CA VAL B 179 18.88 6.51 -4.39
C VAL B 179 19.10 7.67 -3.44
N ARG B 180 18.26 8.70 -3.57
CA ARG B 180 18.12 9.76 -2.57
C ARG B 180 16.67 9.74 -2.10
N VAL B 181 16.46 9.54 -0.81
CA VAL B 181 15.14 9.63 -0.21
C VAL B 181 15.05 11.02 0.41
N CYS B 182 14.10 11.81 -0.05
CA CYS B 182 14.07 13.25 0.29
C CYS B 182 12.66 13.79 0.19
N ALA B 183 12.44 14.97 0.77
CA ALA B 183 11.13 15.59 0.79
C ALA B 183 10.68 16.13 -0.58
N CYS B 184 11.66 16.54 -1.41
CA CYS B 184 11.39 17.24 -2.66
C CYS B 184 12.18 16.57 -3.81
N PRO B 185 11.72 15.38 -4.24
CA PRO B 185 12.50 14.67 -5.27
C PRO B 185 12.57 15.38 -6.62
N GLY B 186 11.48 16.01 -7.06
CA GLY B 186 11.48 16.77 -8.30
C GLY B 186 12.51 17.89 -8.28
N ARG B 187 12.46 18.70 -7.22
CA ARG B 187 13.39 19.80 -7.06
C ARG B 187 14.84 19.30 -6.99
N ASP B 188 15.08 18.27 -6.17
CA ASP B 188 16.43 17.75 -6.00
C ASP B 188 17.00 17.13 -7.28
N ARG B 189 16.15 16.42 -8.04
CA ARG B 189 16.59 15.92 -9.34
C ARG B 189 17.03 17.08 -10.26
N ARG B 190 16.19 18.13 -10.35
CA ARG B 190 16.53 19.30 -11.18
C ARG B 190 17.85 19.91 -10.77
N THR B 191 18.03 20.11 -9.46
CA THR B 191 19.25 20.70 -8.91
C THR B 191 20.49 19.86 -9.24
N GLU B 192 20.41 18.56 -9.00
CA GLU B 192 21.55 17.68 -9.26
C GLU B 192 21.84 17.51 -10.76
N GLU B 193 20.81 17.53 -11.59
CA GLU B 193 21.02 17.49 -13.04
C GLU B 193 21.62 18.80 -13.55
N GLU B 194 21.16 19.93 -13.00
CA GLU B 194 21.74 21.24 -13.31
C GLU B 194 23.22 21.32 -12.91
N ASN B 195 23.55 20.79 -11.73
CA ASN B 195 24.94 20.74 -11.25
C ASN B 195 25.85 19.87 -12.13
N LEU B 196 25.29 18.80 -12.69
CA LEU B 196 26.02 17.95 -13.65
C LEU B 196 26.40 18.70 -14.95
N ARG B 197 25.58 19.67 -15.35
CA ARG B 197 25.88 20.55 -16.50
C ARG B 197 26.81 21.68 -16.09
ZN ZN C . -16.43 8.57 18.30
O2 6SM D . -24.95 12.70 22.35
C5 6SM D . -24.55 11.89 23.23
O1 6SM D . -23.91 12.27 24.26
C2 6SM D . -24.87 10.39 23.05
N1 6SM D . -23.88 9.58 22.60
C3 6SM D . -26.13 9.83 23.32
CL 6SM D . -27.43 10.82 23.90
C4 6SM D . -26.33 8.45 23.12
N2 6SM D . -25.34 7.64 22.66
C1 6SM D . -24.16 8.26 22.43
ZN ZN E . 15.18 7.47 9.54
O2 6SM F . 7.37 11.07 15.76
C5 6SM F . 7.02 10.57 14.66
O1 6SM F . 6.84 11.27 13.62
C2 6SM F . 6.82 9.05 14.57
N1 6SM F . 7.86 8.32 14.10
C3 6SM F . 5.66 8.35 14.93
CL 6SM F . 4.24 9.13 15.55
C4 6SM F . 5.60 6.95 14.82
N2 6SM F . 6.65 6.25 14.33
C1 6SM F . 7.72 6.99 14.02
#